data_5ZKP
#
_entry.id   5ZKP
#
_cell.length_a   67.050
_cell.length_b   67.050
_cell.length_c   280.250
_cell.angle_alpha   90.00
_cell.angle_beta   90.00
_cell.angle_gamma   120.00
#
_symmetry.space_group_name_H-M   'P 32 2 1'
#
loop_
_entity.id
_entity.type
_entity.pdbx_description
1 polymer 'Platelet-activating factor receptor,Flavodoxin,Platelet-activating factor receptor'
2 non-polymer N1,N1-dimethyl-N2-[(pyridin-3-yl)methyl]-N2-{4-[2,4,6-tri(propan-2-yl)phenyl]-1,3-thiazol-2-yl}ethane-1,2-diamine
3 non-polymer 'FLAVIN MONONUCLEOTIDE'
#
_entity_poly.entity_id   1
_entity_poly.type   'polypeptide(L)'
_entity_poly.pdbx_seq_one_letter_code
;GAPEPHDSSHMDSEFRYTLFPIVYSIIFVLGVIANGYVLWVFARLYPCKKFNEIKIFMVNLTMADMLFLITLPLWIVYYQ
NQGNWILPKFLCNVAGCLFFINTYCSVAFLGVITYNRYQAVTRPIKTAQANTRKRGISLSLVIWVAIVGAASYFLILDST
NTVPDSAGSGDVTRCFEHYEKGSVPVLIIHIFIVFSFFLVFLIILFCNLVIIRTLLMQAKALIVYGSTTGNTEYTAETIA
RELADAGYEVDSRDAASVEAGGLFEGFDLVLLGCSTWGDDSIELQDDFIPLFDSLEETGAQGRKVACFGCGDSSWEYFCG
AVDAIEEKLKNLGAEIVQDGLRIDGDPRAARDDIVGWAHDVRGAIAEVKRRDLWMACTVLAVFIICFVPHHVVQLPWTLA
ELGFQDSKFHQAINDAHQVTLCLLSTNCVLNPVIYCFLTKKFRKHLTEKFYSMRSSRKEFLEVLFQ
;
_entity_poly.pdbx_strand_id   A
#
loop_
_chem_comp.id
_chem_comp.type
_chem_comp.name
_chem_comp.formula
9ER non-polymer N1,N1-dimethyl-N2-[(pyridin-3-yl)methyl]-N2-{4-[2,4,6-tri(propan-2-yl)phenyl]-1,3-thiazol-2-yl}ethane-1,2-diamine 'C28 H40 N4 S'
FMN non-polymer 'FLAVIN MONONUCLEOTIDE' 'C17 H21 N4 O9 P'
#
# COMPACT_ATOMS: atom_id res chain seq x y z
N SER A 8 -3.20 47.52 3.22
CA SER A 8 -2.19 48.34 2.54
C SER A 8 -1.13 47.46 1.89
N SER A 9 -0.49 46.55 2.66
CA SER A 9 0.49 45.56 2.16
C SER A 9 -0.33 44.48 1.43
N HIS A 10 -0.79 44.82 0.21
CA HIS A 10 -1.62 43.99 -0.66
C HIS A 10 -0.88 42.78 -1.26
N MET A 11 -0.24 42.00 -0.39
CA MET A 11 0.47 40.81 -0.82
C MET A 11 -0.56 39.75 -1.17
N ASP A 12 -0.69 39.52 -2.48
CA ASP A 12 -1.67 38.61 -3.04
C ASP A 12 -1.19 38.09 -4.39
N SER A 13 -1.75 36.93 -4.81
CA SER A 13 -1.52 36.28 -6.09
C SER A 13 -2.86 36.31 -6.81
N GLU A 14 -3.03 37.25 -7.76
CA GLU A 14 -4.27 37.45 -8.51
C GLU A 14 -4.78 36.21 -9.28
N PHE A 15 -3.84 35.32 -9.67
CA PHE A 15 -4.14 34.09 -10.41
C PHE A 15 -4.91 33.06 -9.57
N ARG A 16 -4.86 33.15 -8.23
CA ARG A 16 -5.52 32.20 -7.34
C ARG A 16 -7.06 32.26 -7.44
N TYR A 17 -7.62 33.43 -7.72
CA TYR A 17 -9.06 33.62 -7.86
C TYR A 17 -9.65 32.93 -9.10
N THR A 18 -8.79 32.52 -10.04
CA THR A 18 -9.16 31.81 -11.26
C THR A 18 -8.65 30.35 -11.17
N LEU A 19 -7.45 30.13 -10.58
CA LEU A 19 -6.84 28.82 -10.41
C LEU A 19 -7.61 27.92 -9.43
N PHE A 20 -8.04 28.46 -8.28
CA PHE A 20 -8.72 27.64 -7.29
C PHE A 20 -10.15 27.23 -7.70
N PRO A 21 -11.09 28.11 -8.12
CA PRO A 21 -12.42 27.61 -8.54
C PRO A 21 -12.38 26.49 -9.58
N ILE A 22 -11.53 26.57 -10.62
CA ILE A 22 -11.44 25.53 -11.65
C ILE A 22 -10.86 24.20 -11.06
N VAL A 23 -9.66 24.24 -10.41
CA VAL A 23 -9.01 23.06 -9.82
C VAL A 23 -9.93 22.38 -8.81
N TYR A 24 -10.46 23.16 -7.84
CA TYR A 24 -11.34 22.64 -6.78
C TYR A 24 -12.67 22.10 -7.33
N SER A 25 -13.14 22.61 -8.47
CA SER A 25 -14.35 22.03 -9.06
C SER A 25 -14.02 20.75 -9.86
N ILE A 26 -12.77 20.64 -10.37
CA ILE A 26 -12.34 19.44 -11.09
C ILE A 26 -12.04 18.33 -10.06
N ILE A 27 -11.37 18.67 -8.97
CA ILE A 27 -11.03 17.68 -7.94
C ILE A 27 -12.28 17.30 -7.11
N PHE A 28 -13.33 18.12 -7.17
CA PHE A 28 -14.59 17.78 -6.52
C PHE A 28 -15.31 16.67 -7.32
N VAL A 29 -15.43 16.83 -8.66
CA VAL A 29 -16.08 15.80 -9.51
C VAL A 29 -15.22 14.53 -9.61
N LEU A 30 -13.88 14.69 -9.86
CA LEU A 30 -12.94 13.56 -9.90
C LEU A 30 -12.84 12.88 -8.55
N GLY A 31 -12.91 13.68 -7.47
CA GLY A 31 -12.90 13.18 -6.10
C GLY A 31 -14.07 12.25 -5.81
N VAL A 32 -15.30 12.74 -6.11
CA VAL A 32 -16.58 12.03 -5.94
C VAL A 32 -16.60 10.76 -6.80
N ILE A 33 -16.26 10.86 -8.11
CA ILE A 33 -16.18 9.72 -9.04
C ILE A 33 -15.22 8.63 -8.51
N ALA A 34 -13.99 9.04 -8.09
CA ALA A 34 -12.95 8.17 -7.53
C ALA A 34 -13.52 7.40 -6.34
N ASN A 35 -14.09 8.12 -5.35
CA ASN A 35 -14.71 7.56 -4.14
C ASN A 35 -15.87 6.61 -4.47
N GLY A 36 -16.66 6.96 -5.48
CA GLY A 36 -17.78 6.15 -5.93
C GLY A 36 -17.33 4.86 -6.57
N TYR A 37 -16.22 4.92 -7.34
CA TYR A 37 -15.65 3.76 -8.03
C TYR A 37 -15.06 2.75 -7.02
N VAL A 38 -14.67 3.22 -5.82
CA VAL A 38 -14.15 2.39 -4.73
C VAL A 38 -15.32 1.58 -4.19
N LEU A 39 -16.36 2.25 -3.66
CA LEU A 39 -17.56 1.63 -3.10
C LEU A 39 -18.19 0.56 -3.99
N TRP A 40 -18.34 0.85 -5.32
CA TRP A 40 -18.91 -0.03 -6.35
C TRP A 40 -18.09 -1.32 -6.46
N VAL A 41 -16.77 -1.16 -6.62
CA VAL A 41 -15.81 -2.25 -6.76
C VAL A 41 -15.76 -3.09 -5.49
N PHE A 42 -15.68 -2.46 -4.29
CA PHE A 42 -15.66 -3.18 -3.01
C PHE A 42 -16.95 -3.96 -2.73
N ALA A 43 -18.13 -3.28 -2.74
CA ALA A 43 -19.42 -3.91 -2.48
C ALA A 43 -19.71 -5.08 -3.44
N ARG A 44 -19.01 -5.12 -4.58
CA ARG A 44 -19.08 -6.16 -5.60
C ARG A 44 -18.21 -7.36 -5.20
N LEU A 45 -16.96 -7.12 -4.79
CA LEU A 45 -15.99 -8.14 -4.41
C LEU A 45 -16.33 -8.89 -3.10
N TYR A 46 -17.27 -8.35 -2.31
CA TYR A 46 -17.73 -8.93 -1.05
C TYR A 46 -19.26 -8.86 -1.06
N PRO A 47 -19.96 -9.65 -1.91
CA PRO A 47 -21.43 -9.51 -1.97
C PRO A 47 -22.21 -10.09 -0.79
N CYS A 48 -21.62 -11.08 -0.10
CA CYS A 48 -22.22 -11.83 0.99
C CYS A 48 -22.29 -11.08 2.32
N LYS A 49 -23.40 -11.29 3.08
CA LYS A 49 -23.68 -10.68 4.38
C LYS A 49 -22.63 -11.01 5.48
N LYS A 50 -21.85 -12.12 5.28
CA LYS A 50 -20.77 -12.56 6.17
C LYS A 50 -19.62 -11.53 6.20
N PHE A 51 -19.65 -10.56 5.25
CA PHE A 51 -18.67 -9.49 5.11
C PHE A 51 -19.32 -8.11 5.27
N ASN A 52 -20.37 -8.00 6.12
CA ASN A 52 -21.06 -6.73 6.36
C ASN A 52 -20.19 -5.77 7.13
N GLU A 53 -19.33 -6.28 8.06
CA GLU A 53 -18.43 -5.44 8.86
C GLU A 53 -17.26 -4.85 8.04
N ILE A 54 -16.76 -5.60 7.03
CA ILE A 54 -15.68 -5.07 6.18
C ILE A 54 -16.24 -4.02 5.18
N LYS A 55 -17.52 -4.18 4.77
CA LYS A 55 -18.22 -3.26 3.86
C LYS A 55 -18.61 -1.98 4.61
N ILE A 56 -19.13 -2.11 5.86
CA ILE A 56 -19.52 -0.99 6.74
C ILE A 56 -18.30 -0.10 7.05
N PHE A 57 -17.10 -0.72 7.13
CA PHE A 57 -15.84 -0.01 7.32
C PHE A 57 -15.58 0.81 6.05
N MET A 58 -15.71 0.18 4.86
CA MET A 58 -15.50 0.83 3.56
C MET A 58 -16.45 1.99 3.30
N VAL A 59 -17.68 1.91 3.84
CA VAL A 59 -18.70 2.96 3.75
C VAL A 59 -18.23 4.13 4.65
N ASN A 60 -17.82 3.82 5.91
CA ASN A 60 -17.35 4.79 6.91
C ASN A 60 -16.09 5.56 6.46
N LEU A 61 -15.28 4.93 5.58
CA LEU A 61 -14.08 5.52 4.99
C LEU A 61 -14.53 6.49 3.92
N THR A 62 -15.49 6.08 3.06
CA THR A 62 -16.06 6.93 2.02
C THR A 62 -16.78 8.16 2.62
N MET A 63 -17.54 7.95 3.72
CA MET A 63 -18.25 9.00 4.46
C MET A 63 -17.28 10.08 4.92
N ALA A 64 -16.12 9.65 5.50
CA ALA A 64 -15.05 10.54 5.98
C ALA A 64 -14.51 11.39 4.83
N ASP A 65 -14.11 10.74 3.71
CA ASP A 65 -13.61 11.40 2.49
C ASP A 65 -14.63 12.43 1.99
N MET A 66 -15.94 12.06 2.03
CA MET A 66 -17.06 12.90 1.63
C MET A 66 -17.25 14.13 2.50
N LEU A 67 -16.99 14.01 3.82
CA LEU A 67 -17.05 15.09 4.82
C LEU A 67 -16.03 16.19 4.45
N PHE A 68 -14.94 15.81 3.76
CA PHE A 68 -13.95 16.74 3.27
C PHE A 68 -14.36 17.33 1.94
N LEU A 69 -14.78 16.48 0.99
CA LEU A 69 -15.23 16.88 -0.35
C LEU A 69 -16.33 17.96 -0.32
N ILE A 70 -17.24 17.94 0.71
CA ILE A 70 -18.27 18.99 0.87
C ILE A 70 -17.70 20.33 1.36
N THR A 71 -16.42 20.39 1.80
CA THR A 71 -15.85 21.66 2.22
C THR A 71 -15.39 22.44 1.00
N LEU A 72 -14.96 21.71 -0.06
CA LEU A 72 -14.47 22.30 -1.32
C LEU A 72 -15.42 23.35 -1.95
N PRO A 73 -16.78 23.16 -2.05
CA PRO A 73 -17.63 24.26 -2.61
C PRO A 73 -17.51 25.61 -1.87
N LEU A 74 -17.29 25.58 -0.53
CA LEU A 74 -17.09 26.79 0.28
C LEU A 74 -15.86 27.52 -0.19
N TRP A 75 -14.76 26.79 -0.48
CA TRP A 75 -13.54 27.42 -0.99
C TRP A 75 -13.76 27.94 -2.40
N ILE A 76 -14.41 27.14 -3.27
CA ILE A 76 -14.75 27.56 -4.62
C ILE A 76 -15.46 28.94 -4.60
N VAL A 77 -16.52 29.08 -3.79
CA VAL A 77 -17.30 30.31 -3.63
C VAL A 77 -16.42 31.40 -2.98
N TYR A 78 -15.63 31.03 -1.94
CA TYR A 78 -14.70 31.94 -1.26
C TYR A 78 -13.71 32.59 -2.23
N TYR A 79 -13.12 31.81 -3.13
CA TYR A 79 -12.19 32.26 -4.16
C TYR A 79 -12.91 32.96 -5.30
N GLN A 80 -14.12 32.50 -5.68
CA GLN A 80 -14.96 33.07 -6.76
C GLN A 80 -15.28 34.52 -6.48
N ASN A 81 -15.55 34.85 -5.21
CA ASN A 81 -15.83 36.23 -4.82
C ASN A 81 -14.55 36.93 -4.29
N GLN A 82 -13.40 36.62 -4.92
CA GLN A 82 -12.06 37.19 -4.77
C GLN A 82 -11.44 37.10 -3.35
N GLY A 83 -11.65 35.97 -2.69
CA GLY A 83 -11.08 35.74 -1.37
C GLY A 83 -11.78 36.51 -0.27
N ASN A 84 -13.13 36.39 -0.23
CA ASN A 84 -13.99 37.04 0.77
C ASN A 84 -14.93 36.02 1.48
N TRP A 85 -14.61 35.65 2.75
CA TRP A 85 -15.42 34.70 3.54
C TRP A 85 -16.68 35.39 4.11
N ILE A 86 -17.77 35.40 3.31
CA ILE A 86 -19.04 36.03 3.65
C ILE A 86 -19.82 35.23 4.69
N LEU A 87 -19.74 33.89 4.61
CA LEU A 87 -20.47 32.99 5.50
C LEU A 87 -20.03 33.12 6.98
N PRO A 88 -20.81 32.64 8.00
CA PRO A 88 -20.37 32.80 9.40
C PRO A 88 -18.93 32.42 9.65
N LYS A 89 -18.29 33.13 10.58
CA LYS A 89 -16.88 32.94 10.87
C LYS A 89 -16.55 31.52 11.34
N PHE A 90 -17.39 30.95 12.23
CA PHE A 90 -17.19 29.59 12.74
C PHE A 90 -17.16 28.51 11.64
N LEU A 91 -17.73 28.79 10.46
CA LEU A 91 -17.69 27.91 9.30
C LEU A 91 -16.29 27.87 8.71
N CYS A 92 -15.55 29.00 8.78
CA CYS A 92 -14.17 29.11 8.30
C CYS A 92 -13.25 28.22 9.16
N ASN A 93 -13.48 28.22 10.49
CA ASN A 93 -12.80 27.38 11.48
C ASN A 93 -13.05 25.93 11.13
N VAL A 94 -14.32 25.58 10.78
CA VAL A 94 -14.77 24.23 10.41
C VAL A 94 -14.17 23.76 9.10
N ALA A 95 -14.26 24.55 8.02
CA ALA A 95 -13.73 24.24 6.69
C ALA A 95 -12.24 23.96 6.70
N GLY A 96 -11.48 24.88 7.29
CA GLY A 96 -10.03 24.80 7.44
C GLY A 96 -9.56 23.68 8.35
N CYS A 97 -10.23 23.54 9.53
CA CYS A 97 -9.95 22.46 10.48
C CYS A 97 -10.05 21.09 9.78
N LEU A 98 -11.08 20.90 8.94
CA LEU A 98 -11.29 19.68 8.18
C LEU A 98 -10.25 19.50 7.08
N PHE A 99 -9.65 20.60 6.57
CA PHE A 99 -8.61 20.49 5.55
C PHE A 99 -7.39 19.86 6.21
N PHE A 100 -7.00 20.39 7.39
CA PHE A 100 -5.91 19.94 8.26
C PHE A 100 -6.08 18.48 8.63
N ILE A 101 -7.26 18.10 9.17
CA ILE A 101 -7.58 16.73 9.57
C ILE A 101 -7.49 15.82 8.36
N ASN A 102 -8.13 16.17 7.23
CA ASN A 102 -8.03 15.37 6.01
C ASN A 102 -6.59 15.21 5.52
N THR A 103 -5.82 16.30 5.45
CA THR A 103 -4.43 16.33 4.99
C THR A 103 -3.54 15.32 5.75
N TYR A 104 -3.49 15.43 7.10
CA TYR A 104 -2.61 14.58 7.92
C TYR A 104 -3.18 13.18 8.18
N CYS A 105 -4.46 12.94 7.82
CA CYS A 105 -5.04 11.60 7.92
C CYS A 105 -4.71 10.85 6.64
N SER A 106 -4.64 11.60 5.52
CA SER A 106 -4.25 11.14 4.19
C SER A 106 -2.78 10.79 4.21
N VAL A 107 -1.99 11.52 5.04
CA VAL A 107 -0.55 11.31 5.21
C VAL A 107 -0.33 10.03 6.02
N ALA A 108 -1.01 9.91 7.18
CA ALA A 108 -0.97 8.75 8.08
C ALA A 108 -1.36 7.46 7.37
N PHE A 109 -2.41 7.51 6.54
CA PHE A 109 -2.91 6.34 5.83
C PHE A 109 -1.95 5.86 4.75
N LEU A 110 -1.33 6.80 3.99
CA LEU A 110 -0.30 6.42 3.01
C LEU A 110 0.95 5.92 3.73
N GLY A 111 1.10 6.32 4.99
CA GLY A 111 2.17 5.88 5.87
C GLY A 111 1.95 4.44 6.32
N VAL A 112 0.71 4.14 6.76
CA VAL A 112 0.29 2.82 7.24
C VAL A 112 0.35 1.76 6.10
N ILE A 113 -0.09 2.12 4.87
CA ILE A 113 -0.02 1.25 3.69
C ILE A 113 1.44 0.85 3.46
N THR A 114 2.37 1.82 3.51
CA THR A 114 3.82 1.66 3.35
C THR A 114 4.43 0.79 4.45
N TYR A 115 4.14 1.11 5.73
CA TYR A 115 4.67 0.37 6.88
C TYR A 115 4.27 -1.10 6.87
N ASN A 116 3.00 -1.38 6.56
CA ASN A 116 2.47 -2.75 6.52
C ASN A 116 3.00 -3.53 5.33
N ARG A 117 3.16 -2.87 4.15
CA ARG A 117 3.77 -3.50 2.97
C ARG A 117 5.24 -3.73 3.27
N TYR A 118 5.85 -2.84 4.10
CA TYR A 118 7.23 -2.97 4.55
C TYR A 118 7.38 -4.21 5.45
N GLN A 119 6.48 -4.40 6.43
CA GLN A 119 6.45 -5.55 7.34
C GLN A 119 6.11 -6.88 6.59
N ALA A 120 5.68 -6.79 5.32
CA ALA A 120 5.31 -7.90 4.48
C ALA A 120 6.44 -8.26 3.50
N VAL A 121 6.94 -7.29 2.70
CA VAL A 121 8.03 -7.50 1.73
C VAL A 121 9.36 -7.79 2.46
N THR A 122 9.57 -7.16 3.63
CA THR A 122 10.73 -7.40 4.48
C THR A 122 10.19 -8.00 5.77
N ARG A 123 11.03 -8.72 6.53
CA ARG A 123 10.67 -9.32 7.82
C ARG A 123 9.29 -10.06 7.84
N PRO A 124 8.96 -10.97 6.88
CA PRO A 124 7.68 -11.70 6.99
C PRO A 124 7.80 -12.95 7.90
N ILE A 125 7.89 -12.69 9.23
CA ILE A 125 7.98 -13.69 10.30
C ILE A 125 6.84 -13.54 11.31
N SER A 140 0.57 2.58 23.39
CA SER A 140 -0.11 3.62 22.64
C SER A 140 0.08 3.40 21.13
N LEU A 141 -1.03 3.41 20.35
CA LEU A 141 -1.03 3.18 18.90
C LEU A 141 -1.98 4.09 18.09
N VAL A 142 -3.25 4.23 18.52
CA VAL A 142 -4.27 5.06 17.84
C VAL A 142 -4.09 6.54 18.23
N ILE A 143 -4.07 7.44 17.21
CA ILE A 143 -3.88 8.88 17.33
C ILE A 143 -5.21 9.66 17.53
N TRP A 144 -6.23 9.02 18.15
CA TRP A 144 -7.52 9.65 18.46
C TRP A 144 -7.30 10.82 19.43
N VAL A 145 -6.48 10.60 20.49
CA VAL A 145 -6.11 11.57 21.54
C VAL A 145 -5.49 12.85 20.97
N ALA A 146 -4.70 12.70 19.89
CA ALA A 146 -4.01 13.79 19.19
C ALA A 146 -4.97 14.70 18.46
N ILE A 147 -5.68 14.18 17.45
CA ILE A 147 -6.62 14.93 16.60
C ILE A 147 -7.80 15.56 17.39
N VAL A 148 -7.91 15.26 18.70
CA VAL A 148 -8.93 15.84 19.58
C VAL A 148 -8.42 17.22 20.07
N GLY A 149 -7.17 17.27 20.51
CA GLY A 149 -6.52 18.50 20.95
C GLY A 149 -6.31 19.47 19.81
N ALA A 150 -5.96 18.93 18.62
CA ALA A 150 -5.73 19.68 17.37
C ALA A 150 -7.01 20.31 16.88
N ALA A 151 -8.14 19.58 16.89
CA ALA A 151 -9.44 20.09 16.46
C ALA A 151 -9.99 21.15 17.44
N SER A 152 -9.89 20.91 18.77
CA SER A 152 -10.35 21.83 19.81
C SER A 152 -9.59 23.16 19.80
N TYR A 153 -8.37 23.15 19.23
CA TYR A 153 -7.50 24.31 19.06
C TYR A 153 -8.14 25.21 17.98
N PHE A 154 -8.58 24.60 16.85
CA PHE A 154 -9.27 25.28 15.74
C PHE A 154 -10.61 25.87 16.15
N LEU A 155 -11.38 25.14 16.99
CA LEU A 155 -12.70 25.55 17.50
C LEU A 155 -12.67 26.93 18.18
N ILE A 156 -11.54 27.28 18.83
CA ILE A 156 -11.37 28.57 19.51
C ILE A 156 -10.63 29.61 18.60
N LEU A 157 -9.78 29.12 17.65
CA LEU A 157 -9.01 29.96 16.71
C LEU A 157 -9.86 30.96 15.97
N ASP A 158 -9.49 32.23 16.04
CA ASP A 158 -10.16 33.29 15.30
C ASP A 158 -9.41 33.35 13.96
N SER A 159 -9.87 32.54 13.02
CA SER A 159 -9.34 32.33 11.68
C SER A 159 -9.50 33.50 10.73
N THR A 160 -10.43 34.42 11.04
CA THR A 160 -10.82 35.50 10.14
C THR A 160 -10.25 36.87 10.48
N ASN A 161 -9.80 37.56 9.42
CA ASN A 161 -9.26 38.91 9.41
C ASN A 161 -9.87 39.64 8.22
N THR A 162 -10.11 40.95 8.37
CA THR A 162 -10.63 41.74 7.27
C THR A 162 -9.51 42.65 6.74
N VAL A 163 -9.45 42.78 5.41
CA VAL A 163 -8.47 43.61 4.70
C VAL A 163 -9.17 44.27 3.50
N PRO A 164 -8.85 45.54 3.14
CA PRO A 164 -9.53 46.17 2.00
C PRO A 164 -9.35 45.43 0.66
N ASP A 165 -10.35 45.56 -0.25
CA ASP A 165 -10.42 44.93 -1.57
C ASP A 165 -9.28 45.37 -2.51
N SER A 166 -9.15 44.69 -3.68
CA SER A 166 -8.13 44.98 -4.71
C SER A 166 -8.04 46.46 -5.12
N ALA A 167 -9.12 47.23 -4.85
CA ALA A 167 -9.21 48.66 -5.10
C ALA A 167 -8.97 49.41 -3.77
N GLY A 168 -9.99 49.43 -2.89
CA GLY A 168 -9.97 50.11 -1.60
C GLY A 168 -11.35 50.53 -1.12
N SER A 169 -11.45 50.95 0.17
CA SER A 169 -12.68 51.37 0.86
C SER A 169 -13.81 50.32 0.76
N GLY A 170 -13.44 49.07 1.04
CA GLY A 170 -14.33 47.91 1.02
C GLY A 170 -13.66 46.69 1.63
N ASP A 171 -14.08 46.31 2.85
CA ASP A 171 -13.53 45.18 3.60
C ASP A 171 -13.88 43.81 2.99
N VAL A 172 -12.82 43.05 2.69
CA VAL A 172 -12.85 41.70 2.15
C VAL A 172 -12.27 40.79 3.26
N THR A 173 -13.09 39.86 3.80
CA THR A 173 -12.73 38.92 4.88
C THR A 173 -11.95 37.72 4.37
N ARG A 174 -10.77 37.47 4.96
CA ARG A 174 -9.89 36.36 4.60
C ARG A 174 -10.06 35.22 5.59
N CYS A 175 -9.89 33.97 5.10
CA CYS A 175 -10.03 32.72 5.85
C CYS A 175 -8.67 31.99 5.92
N PHE A 176 -8.07 31.98 7.14
CA PHE A 176 -6.75 31.42 7.50
C PHE A 176 -5.59 32.04 6.71
N GLU A 177 -5.69 33.35 6.36
CA GLU A 177 -4.65 34.03 5.58
C GLU A 177 -3.69 34.90 6.41
N HIS A 178 -4.09 35.27 7.63
CA HIS A 178 -3.33 36.12 8.55
C HIS A 178 -2.75 35.36 9.73
N TYR A 179 -1.66 35.89 10.28
CA TYR A 179 -1.09 35.35 11.48
C TYR A 179 -1.03 36.46 12.51
N GLU A 180 -1.84 36.29 13.56
CA GLU A 180 -1.87 37.23 14.68
C GLU A 180 -0.69 36.85 15.58
N LYS A 181 0.41 37.61 15.44
CA LYS A 181 1.68 37.42 16.17
C LYS A 181 1.48 37.46 17.69
N GLY A 182 0.45 38.18 18.13
CA GLY A 182 0.06 38.40 19.51
C GLY A 182 -0.13 37.20 20.44
N SER A 183 -1.21 36.41 20.24
CA SER A 183 -1.54 35.30 21.15
C SER A 183 -1.17 33.90 20.68
N VAL A 184 -1.26 33.60 19.38
CA VAL A 184 -0.97 32.24 18.90
C VAL A 184 0.52 32.03 18.53
N PRO A 185 1.20 31.02 19.14
CA PRO A 185 2.61 30.77 18.80
C PRO A 185 2.76 30.00 17.48
N VAL A 186 2.46 30.68 16.35
CA VAL A 186 2.49 30.21 14.97
C VAL A 186 3.79 29.48 14.64
N LEU A 187 4.92 30.16 14.86
CA LEU A 187 6.27 29.67 14.60
C LEU A 187 6.54 28.25 15.07
N ILE A 188 6.35 27.95 16.37
CA ILE A 188 6.65 26.62 16.91
C ILE A 188 5.68 25.56 16.41
N ILE A 189 4.36 25.89 16.33
CA ILE A 189 3.31 25.02 15.84
C ILE A 189 3.63 24.61 14.41
N HIS A 190 4.00 25.59 13.55
CA HIS A 190 4.35 25.35 12.14
C HIS A 190 5.63 24.54 11.99
N ILE A 191 6.70 24.87 12.79
CA ILE A 191 8.00 24.17 12.83
C ILE A 191 7.77 22.69 13.23
N PHE A 192 7.06 22.46 14.36
CA PHE A 192 6.71 21.12 14.84
C PHE A 192 6.04 20.29 13.70
N ILE A 193 4.91 20.77 13.14
CA ILE A 193 4.18 20.06 12.08
C ILE A 193 5.06 19.76 10.84
N VAL A 194 5.73 20.77 10.28
CA VAL A 194 6.57 20.58 9.10
C VAL A 194 7.67 19.53 9.40
N PHE A 195 8.25 19.54 10.62
CA PHE A 195 9.25 18.55 10.98
C PHE A 195 8.61 17.15 11.19
N SER A 196 7.39 17.10 11.79
CA SER A 196 6.64 15.86 11.98
C SER A 196 6.35 15.23 10.62
N PHE A 197 5.98 16.06 9.62
CA PHE A 197 5.77 15.56 8.26
C PHE A 197 7.05 14.96 7.69
N PHE A 198 8.18 15.69 7.77
CA PHE A 198 9.43 15.20 7.18
C PHE A 198 9.94 13.94 7.87
N LEU A 199 9.63 13.76 9.19
CA LEU A 199 9.94 12.51 9.89
C LEU A 199 9.16 11.38 9.20
N VAL A 200 7.82 11.57 9.04
CA VAL A 200 6.88 10.65 8.38
C VAL A 200 7.37 10.39 6.95
N PHE A 201 7.62 11.45 6.16
CA PHE A 201 8.13 11.29 4.79
C PHE A 201 9.43 10.46 4.74
N LEU A 202 10.35 10.68 5.70
CA LEU A 202 11.61 9.94 5.74
C LEU A 202 11.36 8.46 5.93
N ILE A 203 10.44 8.10 6.86
CA ILE A 203 10.01 6.74 7.16
C ILE A 203 9.42 6.08 5.88
N ILE A 204 8.55 6.80 5.14
CA ILE A 204 7.95 6.35 3.87
C ILE A 204 9.04 6.16 2.83
N LEU A 205 9.97 7.11 2.73
CA LEU A 205 11.06 7.09 1.77
C LEU A 205 11.94 5.86 1.93
N PHE A 206 12.46 5.61 3.13
CA PHE A 206 13.36 4.47 3.32
C PHE A 206 12.60 3.13 3.40
N CYS A 207 11.31 3.11 3.83
CA CYS A 207 10.49 1.88 3.87
C CYS A 207 10.33 1.41 2.46
N ASN A 208 9.94 2.33 1.55
CA ASN A 208 9.71 2.02 0.15
C ASN A 208 10.99 1.66 -0.59
N LEU A 209 12.10 2.40 -0.38
CA LEU A 209 13.36 2.07 -1.06
C LEU A 209 13.89 0.67 -0.67
N VAL A 210 13.69 0.26 0.61
CA VAL A 210 14.08 -1.06 1.12
C VAL A 210 13.17 -2.12 0.46
N ILE A 211 11.85 -1.80 0.29
CA ILE A 211 10.89 -2.66 -0.40
C ILE A 211 11.35 -2.84 -1.86
N ILE A 212 11.62 -1.74 -2.61
CA ILE A 212 12.07 -1.82 -4.01
C ILE A 212 13.31 -2.72 -4.11
N ARG A 213 14.33 -2.45 -3.25
CA ARG A 213 15.59 -3.18 -3.13
C ARG A 213 15.40 -4.67 -2.85
N THR A 214 14.60 -5.04 -1.82
CA THR A 214 14.36 -6.46 -1.47
C THR A 214 13.53 -7.20 -2.54
N LEU A 215 12.79 -6.49 -3.40
CA LEU A 215 12.02 -7.11 -4.48
C LEU A 215 12.95 -7.37 -5.66
N LEU A 216 13.80 -6.38 -6.00
CA LEU A 216 14.77 -6.46 -7.09
C LEU A 216 15.95 -7.42 -6.77
N MET A 217 16.00 -7.95 -5.52
CA MET A 217 16.96 -8.94 -5.04
C MET A 217 16.78 -10.20 -5.90
N GLN A 218 17.89 -10.77 -6.42
CA GLN A 218 17.82 -11.98 -7.25
C GLN A 218 17.31 -13.15 -6.44
N ALA A 219 16.23 -13.79 -6.94
CA ALA A 219 15.55 -14.90 -6.28
C ALA A 219 16.37 -16.20 -6.22
N LYS A 220 16.45 -16.76 -5.02
CA LYS A 220 17.16 -18.00 -4.75
C LYS A 220 16.11 -19.08 -4.47
N ALA A 221 16.11 -20.15 -5.28
CA ALA A 221 15.16 -21.24 -5.16
C ALA A 221 15.83 -22.55 -4.78
N LEU A 222 15.13 -23.38 -3.99
CA LEU A 222 15.63 -24.69 -3.54
C LEU A 222 14.68 -25.80 -4.01
N ILE A 223 15.24 -26.79 -4.69
CA ILE A 223 14.43 -27.91 -5.17
C ILE A 223 14.85 -29.17 -4.43
N VAL A 224 13.89 -29.82 -3.74
CA VAL A 224 14.16 -31.05 -3.00
C VAL A 224 13.32 -32.20 -3.60
N TYR A 225 14.00 -33.24 -4.15
CA TYR A 225 13.32 -34.36 -4.78
C TYR A 225 13.63 -35.73 -4.18
N GLY A 226 12.61 -36.57 -4.14
CA GLY A 226 12.69 -37.97 -3.69
C GLY A 226 12.38 -38.87 -4.86
N SER A 227 13.44 -39.48 -5.48
CA SER A 227 13.30 -40.33 -6.66
C SER A 227 13.96 -41.70 -6.55
N THR A 228 13.22 -42.78 -6.95
CA THR A 228 13.71 -44.17 -6.96
C THR A 228 14.24 -44.49 -8.36
N THR A 229 13.33 -44.61 -9.37
CA THR A 229 13.62 -44.96 -10.77
C THR A 229 14.25 -43.79 -11.58
N GLY A 230 14.33 -42.60 -10.98
CA GLY A 230 14.95 -41.42 -11.58
C GLY A 230 14.04 -40.47 -12.33
N ASN A 231 12.71 -40.69 -12.28
CA ASN A 231 11.72 -39.87 -12.97
C ASN A 231 11.51 -38.49 -12.34
N THR A 232 11.38 -38.42 -11.00
CA THR A 232 11.22 -37.15 -10.26
C THR A 232 12.54 -36.38 -10.36
N GLU A 233 13.67 -37.11 -10.36
CA GLU A 233 15.02 -36.56 -10.53
C GLU A 233 15.09 -35.77 -11.83
N TYR A 234 14.61 -36.36 -12.96
CA TYR A 234 14.58 -35.74 -14.29
C TYR A 234 13.71 -34.48 -14.29
N THR A 235 12.50 -34.57 -13.72
CA THR A 235 11.57 -33.45 -13.66
C THR A 235 12.22 -32.33 -12.86
N ALA A 236 12.86 -32.67 -11.71
CA ALA A 236 13.57 -31.72 -10.87
C ALA A 236 14.69 -31.01 -11.63
N GLU A 237 15.41 -31.74 -12.52
CA GLU A 237 16.49 -31.24 -13.38
C GLU A 237 15.92 -30.29 -14.42
N THR A 238 14.82 -30.68 -15.10
CA THR A 238 14.13 -29.87 -16.11
C THR A 238 13.63 -28.55 -15.50
N ILE A 239 13.05 -28.61 -14.28
CA ILE A 239 12.55 -27.45 -13.55
C ILE A 239 13.72 -26.56 -13.16
N ALA A 240 14.83 -27.17 -12.67
CA ALA A 240 16.05 -26.46 -12.29
C ALA A 240 16.66 -25.71 -13.49
N ARG A 241 16.74 -26.36 -14.68
CA ARG A 241 17.26 -25.73 -15.90
C ARG A 241 16.35 -24.60 -16.39
N GLU A 242 15.03 -24.69 -16.11
CA GLU A 242 14.06 -23.66 -16.50
C GLU A 242 14.23 -22.38 -15.69
N LEU A 243 14.38 -22.50 -14.36
CA LEU A 243 14.56 -21.35 -13.48
C LEU A 243 15.95 -20.73 -13.63
N ALA A 244 17.01 -21.59 -13.71
CA ALA A 244 18.40 -21.14 -13.88
C ALA A 244 18.56 -20.33 -15.16
N ASP A 245 17.95 -20.82 -16.29
CA ASP A 245 17.90 -20.17 -17.60
C ASP A 245 17.28 -18.78 -17.46
N ALA A 246 16.24 -18.67 -16.61
CA ALA A 246 15.48 -17.46 -16.32
C ALA A 246 16.08 -16.58 -15.19
N GLY A 247 17.29 -16.91 -14.73
CA GLY A 247 18.02 -16.12 -13.74
C GLY A 247 17.75 -16.34 -12.26
N TYR A 248 17.61 -17.61 -11.84
CA TYR A 248 17.40 -17.93 -10.42
C TYR A 248 18.67 -18.54 -9.83
N GLU A 249 18.83 -18.45 -8.50
CA GLU A 249 19.96 -19.06 -7.79
C GLU A 249 19.42 -20.41 -7.30
N VAL A 250 19.38 -21.38 -8.23
CA VAL A 250 18.83 -22.73 -8.05
C VAL A 250 19.77 -23.65 -7.25
N ASP A 251 19.19 -24.30 -6.22
CA ASP A 251 19.82 -25.26 -5.31
C ASP A 251 19.02 -26.57 -5.40
N SER A 252 19.38 -27.43 -6.36
CA SER A 252 18.66 -28.71 -6.52
C SER A 252 19.37 -29.83 -5.75
N ARG A 253 18.67 -30.41 -4.75
CA ARG A 253 19.21 -31.45 -3.88
C ARG A 253 18.28 -32.65 -3.65
N ASP A 254 18.86 -33.88 -3.59
CA ASP A 254 18.16 -35.14 -3.35
C ASP A 254 17.74 -35.20 -1.89
N ALA A 255 16.56 -35.77 -1.61
CA ALA A 255 15.99 -35.90 -0.26
C ALA A 255 16.88 -36.71 0.73
N ALA A 256 17.77 -37.57 0.20
CA ALA A 256 18.71 -38.39 0.98
C ALA A 256 20.01 -37.63 1.34
N SER A 257 20.17 -36.41 0.81
CA SER A 257 21.34 -35.57 1.08
C SER A 257 20.96 -34.31 1.87
N VAL A 258 19.67 -34.19 2.28
CA VAL A 258 19.13 -33.05 3.04
C VAL A 258 18.82 -33.39 4.50
N GLU A 259 18.82 -32.36 5.37
CA GLU A 259 18.49 -32.43 6.79
C GLU A 259 17.38 -31.40 7.07
N ALA A 260 16.29 -31.85 7.74
CA ALA A 260 15.09 -31.06 8.08
C ALA A 260 15.35 -29.78 8.93
N GLY A 261 16.56 -29.67 9.49
CA GLY A 261 16.97 -28.53 10.31
C GLY A 261 17.11 -27.25 9.51
N GLY A 262 16.03 -26.45 9.51
CA GLY A 262 15.94 -25.17 8.82
C GLY A 262 16.42 -25.17 7.39
N LEU A 263 16.08 -26.23 6.64
CA LEU A 263 16.46 -26.46 5.24
C LEU A 263 16.00 -25.33 4.29
N PHE A 264 14.79 -24.80 4.51
CA PHE A 264 14.19 -23.77 3.67
C PHE A 264 14.66 -22.34 4.00
N GLU A 265 15.43 -22.15 5.09
CA GLU A 265 15.92 -20.84 5.53
C GLU A 265 16.80 -20.14 4.47
N GLY A 266 16.41 -18.89 4.15
CA GLY A 266 17.09 -18.06 3.16
C GLY A 266 16.70 -18.34 1.72
N PHE A 267 15.56 -19.03 1.53
CA PHE A 267 15.03 -19.38 0.21
C PHE A 267 13.69 -18.73 -0.03
N ASP A 268 13.56 -18.10 -1.20
CA ASP A 268 12.34 -17.41 -1.60
C ASP A 268 11.26 -18.41 -2.03
N LEU A 269 11.65 -19.33 -2.95
CA LEU A 269 10.81 -20.38 -3.53
C LEU A 269 11.39 -21.76 -3.25
N VAL A 270 10.57 -22.66 -2.69
CA VAL A 270 10.94 -24.04 -2.40
C VAL A 270 10.08 -24.99 -3.25
N LEU A 271 10.71 -25.82 -4.08
CA LEU A 271 9.95 -26.73 -4.93
C LEU A 271 10.13 -28.17 -4.46
N LEU A 272 9.08 -28.75 -3.88
CA LEU A 272 9.12 -30.12 -3.37
C LEU A 272 8.53 -31.13 -4.35
N GLY A 273 9.33 -32.14 -4.67
CA GLY A 273 8.95 -33.18 -5.63
C GLY A 273 9.01 -34.59 -5.09
N CYS A 274 7.93 -35.35 -5.29
CA CYS A 274 7.88 -36.73 -4.81
C CYS A 274 7.00 -37.65 -5.65
N SER A 275 7.50 -38.87 -5.91
CA SER A 275 6.77 -39.92 -6.62
C SER A 275 5.82 -40.67 -5.69
N THR A 276 4.65 -41.09 -6.18
CA THR A 276 3.68 -41.84 -5.37
C THR A 276 4.01 -43.34 -5.42
N TRP A 277 3.82 -44.04 -4.27
CA TRP A 277 4.11 -45.46 -4.11
C TRP A 277 3.05 -46.18 -3.29
N GLY A 278 3.24 -47.49 -3.10
CA GLY A 278 2.35 -48.33 -2.31
C GLY A 278 1.43 -49.25 -3.08
N ASP A 279 1.53 -50.58 -2.81
CA ASP A 279 0.67 -51.63 -3.37
C ASP A 279 -0.74 -51.45 -2.83
N ASP A 280 -0.84 -51.10 -1.54
CA ASP A 280 -2.08 -50.96 -0.78
C ASP A 280 -2.61 -49.50 -0.76
N SER A 281 -2.01 -48.61 0.05
CA SER A 281 -2.44 -47.20 0.18
C SER A 281 -1.51 -46.21 -0.56
N ILE A 282 -1.83 -44.89 -0.49
CA ILE A 282 -1.07 -43.81 -1.11
C ILE A 282 0.15 -43.40 -0.26
N GLU A 283 1.25 -44.15 -0.41
CA GLU A 283 2.52 -43.95 0.31
C GLU A 283 3.51 -43.07 -0.47
N LEU A 284 4.44 -42.40 0.24
CA LEU A 284 5.46 -41.52 -0.35
C LEU A 284 6.78 -42.27 -0.62
N GLN A 285 7.70 -41.65 -1.39
CA GLN A 285 9.01 -42.19 -1.75
C GLN A 285 9.86 -42.33 -0.48
N ASP A 286 10.59 -43.45 -0.33
CA ASP A 286 11.39 -43.79 0.86
C ASP A 286 12.30 -42.65 1.35
N ASP A 287 13.14 -42.05 0.46
CA ASP A 287 14.05 -40.94 0.84
C ASP A 287 13.30 -39.67 1.25
N PHE A 288 12.07 -39.47 0.74
CA PHE A 288 11.22 -38.29 0.97
C PHE A 288 10.37 -38.32 2.27
N ILE A 289 10.02 -39.53 2.79
CA ILE A 289 9.23 -39.69 4.03
C ILE A 289 9.95 -39.03 5.27
N PRO A 290 11.30 -39.21 5.51
CA PRO A 290 11.93 -38.53 6.67
C PRO A 290 11.76 -37.01 6.68
N LEU A 291 11.75 -36.40 5.48
CA LEU A 291 11.55 -34.96 5.28
C LEU A 291 10.08 -34.59 5.54
N PHE A 292 9.12 -35.41 5.05
CA PHE A 292 7.68 -35.17 5.18
C PHE A 292 7.21 -35.05 6.63
N ASP A 293 7.64 -35.99 7.49
CA ASP A 293 7.29 -36.04 8.90
C ASP A 293 7.79 -34.81 9.69
N SER A 294 8.99 -34.29 9.34
CA SER A 294 9.62 -33.13 9.97
C SER A 294 9.70 -31.91 9.03
N LEU A 295 8.56 -31.59 8.36
CA LEU A 295 8.41 -30.49 7.41
C LEU A 295 8.20 -29.11 8.08
N GLU A 296 7.88 -29.11 9.39
CA GLU A 296 7.67 -27.91 10.19
C GLU A 296 9.01 -27.26 10.57
N GLU A 297 10.01 -28.11 10.88
CA GLU A 297 11.37 -27.78 11.30
C GLU A 297 12.18 -26.99 10.25
N THR A 298 11.80 -27.08 8.96
CA THR A 298 12.46 -26.38 7.85
C THR A 298 12.13 -24.89 7.84
N GLY A 299 10.83 -24.57 7.88
CA GLY A 299 10.30 -23.22 7.86
C GLY A 299 9.28 -23.04 6.75
N ALA A 300 8.23 -23.89 6.79
CA ALA A 300 7.13 -23.94 5.81
C ALA A 300 6.16 -22.77 5.88
N GLN A 301 5.84 -22.30 7.09
CA GLN A 301 4.92 -21.17 7.32
C GLN A 301 5.50 -19.88 6.72
N GLY A 302 4.67 -19.19 5.94
CA GLY A 302 5.03 -17.96 5.24
C GLY A 302 6.02 -18.14 4.11
N ARG A 303 6.23 -19.41 3.68
CA ARG A 303 7.16 -19.81 2.62
C ARG A 303 6.45 -20.09 1.30
N LYS A 304 6.92 -19.45 0.20
CA LYS A 304 6.41 -19.65 -1.16
C LYS A 304 6.87 -21.04 -1.62
N VAL A 305 5.93 -22.01 -1.70
CA VAL A 305 6.24 -23.39 -2.07
C VAL A 305 5.48 -23.87 -3.30
N ALA A 306 6.09 -24.80 -4.04
CA ALA A 306 5.52 -25.45 -5.23
C ALA A 306 5.70 -26.96 -5.10
N CYS A 307 4.72 -27.75 -5.58
CA CYS A 307 4.85 -29.20 -5.44
C CYS A 307 4.61 -29.98 -6.73
N PHE A 308 5.66 -30.63 -7.25
CA PHE A 308 5.57 -31.46 -8.46
C PHE A 308 5.70 -32.92 -8.05
N GLY A 309 5.51 -33.84 -9.00
CA GLY A 309 5.64 -35.26 -8.71
C GLY A 309 5.27 -36.17 -9.86
N CYS A 310 5.88 -37.37 -9.86
CA CYS A 310 5.69 -38.46 -10.83
C CYS A 310 4.75 -39.54 -10.31
N GLY A 311 4.03 -40.17 -11.23
CA GLY A 311 3.08 -41.23 -10.91
C GLY A 311 2.63 -42.03 -12.11
N ASP A 312 1.43 -42.64 -12.02
CA ASP A 312 0.80 -43.45 -13.06
C ASP A 312 -0.71 -43.49 -12.88
N SER A 313 -1.48 -43.24 -13.96
CA SER A 313 -2.95 -43.24 -13.97
C SER A 313 -3.59 -44.64 -13.77
N SER A 314 -2.78 -45.72 -13.79
CA SER A 314 -3.24 -47.10 -13.58
C SER A 314 -3.68 -47.35 -12.13
N TRP A 315 -3.15 -46.56 -11.17
CA TRP A 315 -3.49 -46.64 -9.74
C TRP A 315 -4.63 -45.67 -9.40
N GLU A 316 -5.33 -45.90 -8.26
CA GLU A 316 -6.49 -45.11 -7.82
C GLU A 316 -6.15 -43.64 -7.49
N TYR A 317 -5.08 -43.42 -6.70
CA TYR A 317 -4.66 -42.07 -6.29
C TYR A 317 -3.55 -41.59 -7.22
N PHE A 318 -3.92 -41.08 -8.44
CA PHE A 318 -2.93 -40.58 -9.40
C PHE A 318 -2.19 -39.39 -8.80
N CYS A 319 -0.88 -39.59 -8.56
CA CYS A 319 0.03 -38.65 -7.92
C CYS A 319 -0.53 -38.25 -6.56
N GLY A 320 -0.68 -39.26 -5.71
CA GLY A 320 -1.19 -39.13 -4.36
C GLY A 320 -0.23 -38.37 -3.46
N ALA A 321 1.09 -38.52 -3.69
CA ALA A 321 2.14 -37.83 -2.95
C ALA A 321 2.07 -36.31 -3.12
N VAL A 322 1.70 -35.83 -4.33
CA VAL A 322 1.52 -34.40 -4.66
C VAL A 322 0.43 -33.81 -3.73
N ASP A 323 -0.76 -34.45 -3.72
CA ASP A 323 -1.92 -34.10 -2.91
C ASP A 323 -1.63 -34.23 -1.40
N ALA A 324 -0.74 -35.17 -1.02
CA ALA A 324 -0.33 -35.44 0.37
C ALA A 324 0.45 -34.29 0.99
N ILE A 325 1.48 -33.78 0.27
CA ILE A 325 2.31 -32.66 0.74
C ILE A 325 1.59 -31.32 0.57
N GLU A 326 0.72 -31.19 -0.46
CA GLU A 326 -0.06 -29.96 -0.72
C GLU A 326 -1.05 -29.61 0.40
N GLU A 327 -1.85 -30.60 0.88
CA GLU A 327 -2.79 -30.40 1.98
C GLU A 327 -2.06 -30.24 3.33
N LYS A 328 -0.87 -30.88 3.48
CA LYS A 328 0.01 -30.83 4.65
C LYS A 328 0.71 -29.46 4.77
N LEU A 329 1.04 -28.83 3.63
CA LEU A 329 1.66 -27.52 3.59
C LEU A 329 0.63 -26.44 3.87
N LYS A 330 -0.65 -26.69 3.50
CA LYS A 330 -1.79 -25.79 3.73
C LYS A 330 -2.04 -25.70 5.25
N ASN A 331 -1.98 -26.86 5.95
CA ASN A 331 -2.09 -27.02 7.41
C ASN A 331 -0.90 -26.35 8.12
N LEU A 332 0.22 -26.22 7.38
CA LEU A 332 1.46 -25.58 7.83
C LEU A 332 1.48 -24.07 7.51
N GLY A 333 0.48 -23.60 6.77
CA GLY A 333 0.30 -22.20 6.38
C GLY A 333 1.32 -21.69 5.38
N ALA A 334 1.68 -22.53 4.39
CA ALA A 334 2.64 -22.23 3.32
C ALA A 334 1.97 -21.58 2.09
N GLU A 335 2.72 -20.81 1.30
CA GLU A 335 2.19 -20.13 0.11
C GLU A 335 2.35 -20.95 -1.19
N ILE A 336 1.36 -21.80 -1.48
CA ILE A 336 1.34 -22.61 -2.69
C ILE A 336 0.96 -21.70 -3.87
N VAL A 337 2.00 -21.14 -4.53
CA VAL A 337 1.90 -20.18 -5.62
C VAL A 337 1.33 -20.76 -6.95
N GLN A 338 1.40 -22.09 -7.16
CA GLN A 338 0.91 -22.71 -8.39
C GLN A 338 0.28 -24.07 -8.13
N ASP A 339 -0.66 -24.49 -9.02
CA ASP A 339 -1.32 -25.80 -8.96
C ASP A 339 -0.27 -26.86 -9.26
N GLY A 340 0.00 -27.71 -8.28
CA GLY A 340 0.98 -28.78 -8.37
C GLY A 340 1.08 -29.56 -9.67
N LEU A 341 2.33 -29.87 -10.08
CA LEU A 341 2.62 -30.61 -11.31
C LEU A 341 2.50 -32.10 -11.03
N ARG A 342 1.64 -32.77 -11.82
CA ARG A 342 1.37 -34.20 -11.72
C ARG A 342 1.66 -34.86 -13.07
N ILE A 343 2.72 -35.69 -13.14
CA ILE A 343 3.19 -36.37 -14.36
C ILE A 343 2.66 -37.81 -14.46
N ASP A 344 2.10 -38.14 -15.63
CA ASP A 344 1.58 -39.47 -15.92
C ASP A 344 2.67 -40.28 -16.62
N GLY A 345 3.26 -41.22 -15.88
CA GLY A 345 4.32 -42.09 -16.38
C GLY A 345 5.65 -41.39 -16.56
N ASP A 346 6.21 -41.50 -17.79
CA ASP A 346 7.51 -40.93 -18.16
C ASP A 346 7.49 -39.40 -18.30
N PRO A 347 8.44 -38.71 -17.64
CA PRO A 347 8.47 -37.24 -17.74
C PRO A 347 9.01 -36.70 -19.07
N ARG A 348 9.88 -37.45 -19.76
CA ARG A 348 10.43 -37.03 -21.06
C ARG A 348 9.32 -36.86 -22.12
N ALA A 349 8.23 -37.64 -22.00
CA ALA A 349 7.05 -37.63 -22.87
C ALA A 349 6.36 -36.27 -22.92
N ALA A 350 6.44 -35.49 -21.84
CA ALA A 350 5.82 -34.18 -21.73
C ALA A 350 6.76 -33.13 -21.09
N ARG A 351 7.98 -32.99 -21.65
CA ARG A 351 8.98 -32.02 -21.17
C ARG A 351 8.45 -30.58 -21.28
N ASP A 352 7.73 -30.26 -22.37
CA ASP A 352 7.12 -28.94 -22.62
C ASP A 352 6.02 -28.59 -21.62
N ASP A 353 5.33 -29.61 -21.10
CA ASP A 353 4.28 -29.50 -20.07
C ASP A 353 4.93 -29.21 -18.71
N ILE A 354 6.12 -29.82 -18.44
CA ILE A 354 6.94 -29.64 -17.24
C ILE A 354 7.45 -28.20 -17.21
N VAL A 355 8.09 -27.75 -18.31
CA VAL A 355 8.63 -26.40 -18.50
C VAL A 355 7.53 -25.35 -18.30
N GLY A 356 6.34 -25.62 -18.87
CA GLY A 356 5.17 -24.77 -18.75
C GLY A 356 4.84 -24.45 -17.31
N TRP A 357 4.86 -25.49 -16.44
CA TRP A 357 4.61 -25.39 -15.01
C TRP A 357 5.68 -24.55 -14.31
N ALA A 358 6.97 -24.68 -14.70
CA ALA A 358 8.07 -23.91 -14.10
C ALA A 358 8.03 -22.45 -14.56
N HIS A 359 7.54 -22.23 -15.80
CA HIS A 359 7.36 -20.91 -16.40
C HIS A 359 6.22 -20.17 -15.66
N ASP A 360 5.09 -20.87 -15.45
CA ASP A 360 3.91 -20.37 -14.73
C ASP A 360 4.27 -20.06 -13.28
N VAL A 361 5.04 -20.95 -12.62
CA VAL A 361 5.51 -20.78 -11.23
C VAL A 361 6.26 -19.44 -11.12
N ARG A 362 7.16 -19.13 -12.09
CA ARG A 362 7.88 -17.85 -12.10
C ARG A 362 6.86 -16.72 -12.21
N GLY A 363 6.03 -16.78 -13.26
CA GLY A 363 4.96 -15.82 -13.57
C GLY A 363 4.10 -15.43 -12.38
N ALA A 364 3.66 -16.43 -11.62
CA ALA A 364 2.84 -16.24 -10.43
C ALA A 364 3.60 -15.53 -9.31
N ILE A 365 4.93 -15.79 -9.17
CA ILE A 365 5.74 -15.12 -8.14
C ILE A 365 6.08 -13.68 -8.59
N ALA A 366 6.25 -13.48 -9.92
CA ALA A 366 6.56 -12.21 -10.58
C ALA A 366 5.44 -11.19 -10.40
N GLU A 367 4.16 -11.65 -10.47
CA GLU A 367 2.99 -10.80 -10.29
C GLU A 367 2.91 -10.21 -8.88
N VAL A 368 3.14 -11.05 -7.84
CA VAL A 368 3.15 -10.64 -6.43
C VAL A 368 4.24 -9.57 -6.19
N LYS A 369 5.40 -9.72 -6.88
CA LYS A 369 6.51 -8.78 -6.82
C LYS A 369 6.10 -7.47 -7.48
N ARG A 370 5.54 -7.55 -8.71
CA ARG A 370 5.03 -6.42 -9.50
C ARG A 370 4.00 -5.61 -8.70
N ARG A 371 3.13 -6.32 -7.95
CA ARG A 371 2.09 -5.76 -7.07
C ARG A 371 2.70 -4.76 -6.11
N ASP A 372 3.73 -5.19 -5.33
CA ASP A 372 4.43 -4.39 -4.32
C ASP A 372 5.39 -3.35 -4.90
N LEU A 373 5.94 -3.60 -6.11
CA LEU A 373 6.83 -2.67 -6.79
C LEU A 373 6.04 -1.42 -7.15
N TRP A 374 4.91 -1.61 -7.83
CA TRP A 374 3.95 -0.60 -8.26
C TRP A 374 3.37 0.15 -7.09
N MET A 375 3.06 -0.53 -5.97
CA MET A 375 2.54 0.14 -4.78
C MET A 375 3.57 1.07 -4.15
N ALA A 376 4.82 0.61 -3.98
CA ALA A 376 5.92 1.38 -3.41
C ALA A 376 6.18 2.64 -4.23
N CYS A 377 6.22 2.51 -5.58
CA CYS A 377 6.43 3.63 -6.50
C CYS A 377 5.32 4.67 -6.41
N THR A 378 4.04 4.20 -6.37
CA THR A 378 2.82 5.02 -6.26
C THR A 378 2.84 5.87 -5.00
N VAL A 379 3.01 5.24 -3.80
CA VAL A 379 3.06 5.96 -2.51
C VAL A 379 4.19 7.01 -2.49
N LEU A 380 5.28 6.76 -3.24
CA LEU A 380 6.37 7.73 -3.36
C LEU A 380 5.98 8.85 -4.33
N ALA A 381 5.45 8.50 -5.52
CA ALA A 381 5.02 9.47 -6.52
C ALA A 381 3.94 10.42 -5.97
N VAL A 382 3.03 9.89 -5.13
CA VAL A 382 2.01 10.71 -4.48
C VAL A 382 2.72 11.64 -3.50
N PHE A 383 3.56 11.11 -2.60
CA PHE A 383 4.30 11.94 -1.64
C PHE A 383 5.17 13.04 -2.25
N ILE A 384 5.98 12.71 -3.28
CA ILE A 384 6.88 13.65 -3.96
C ILE A 384 6.14 14.75 -4.73
N ILE A 385 4.97 14.44 -5.30
CA ILE A 385 4.24 15.43 -6.11
C ILE A 385 3.14 16.18 -5.30
N CYS A 386 2.44 15.48 -4.39
CA CYS A 386 1.34 16.08 -3.63
C CYS A 386 1.75 16.78 -2.35
N PHE A 387 2.20 16.01 -1.34
CA PHE A 387 2.50 16.50 -0.01
C PHE A 387 3.83 17.25 0.16
N VAL A 388 4.94 16.65 -0.30
CA VAL A 388 6.31 17.20 -0.16
C VAL A 388 6.42 18.67 -0.66
N PRO A 389 6.00 19.03 -1.91
CA PRO A 389 6.21 20.42 -2.37
C PRO A 389 5.64 21.49 -1.44
N HIS A 390 4.43 21.29 -0.91
CA HIS A 390 3.83 22.24 0.02
C HIS A 390 4.58 22.38 1.34
N HIS A 391 5.04 21.25 1.90
CA HIS A 391 5.73 21.19 3.19
C HIS A 391 7.15 21.74 3.12
N VAL A 392 7.69 21.94 1.90
CA VAL A 392 9.00 22.56 1.68
C VAL A 392 8.77 24.09 1.74
N VAL A 393 7.73 24.55 1.00
CA VAL A 393 7.26 25.93 0.85
C VAL A 393 6.74 26.56 2.15
N GLN A 394 6.10 25.78 3.04
CA GLN A 394 5.45 26.25 4.28
C GLN A 394 6.33 27.11 5.19
N LEU A 395 7.45 26.57 5.75
CA LEU A 395 8.36 27.31 6.65
C LEU A 395 8.85 28.66 6.05
N PRO A 396 9.40 28.73 4.80
CA PRO A 396 9.76 30.05 4.24
C PRO A 396 8.57 31.00 4.13
N TRP A 397 7.37 30.48 3.68
CA TRP A 397 6.13 31.24 3.52
C TRP A 397 5.59 31.80 4.82
N THR A 398 5.57 31.00 5.90
CA THR A 398 5.12 31.45 7.22
C THR A 398 6.01 32.62 7.72
N LEU A 399 7.36 32.51 7.57
CA LEU A 399 8.31 33.56 7.99
C LEU A 399 8.07 34.85 7.24
N ALA A 400 7.96 34.78 5.90
CA ALA A 400 7.67 35.89 4.98
C ALA A 400 6.41 36.62 5.41
N GLU A 401 5.32 35.86 5.68
CA GLU A 401 4.02 36.33 6.16
C GLU A 401 4.17 37.07 7.49
N LEU A 402 5.02 36.55 8.38
CA LEU A 402 5.32 37.15 9.69
C LEU A 402 6.24 38.39 9.58
N GLY A 403 6.78 38.61 8.37
CA GLY A 403 7.64 39.73 8.02
C GLY A 403 9.09 39.57 8.40
N PHE A 404 9.66 38.39 8.07
CA PHE A 404 11.05 38.02 8.36
C PHE A 404 11.92 37.94 7.08
N GLN A 405 11.34 38.28 5.89
CA GLN A 405 12.07 38.21 4.62
C GLN A 405 11.90 39.44 3.69
N ASP A 406 12.46 39.36 2.46
CA ASP A 406 12.40 40.40 1.44
C ASP A 406 11.01 40.52 0.79
N SER A 407 10.79 41.60 0.01
CA SER A 407 9.55 41.87 -0.72
C SER A 407 9.44 40.98 -1.97
N LYS A 408 10.56 40.89 -2.75
CA LYS A 408 10.69 40.07 -3.97
C LYS A 408 10.47 38.59 -3.66
N PHE A 409 11.03 38.12 -2.53
CA PHE A 409 10.88 36.75 -2.05
C PHE A 409 9.44 36.49 -1.61
N HIS A 410 8.82 37.47 -0.89
CA HIS A 410 7.44 37.30 -0.40
C HIS A 410 6.48 36.95 -1.56
N GLN A 411 6.55 37.69 -2.68
CA GLN A 411 5.77 37.48 -3.91
C GLN A 411 6.00 36.07 -4.50
N ALA A 412 7.27 35.62 -4.54
CA ALA A 412 7.65 34.30 -5.09
C ALA A 412 7.12 33.13 -4.28
N ILE A 413 7.37 33.15 -2.95
CA ILE A 413 6.94 32.11 -2.01
C ILE A 413 5.40 32.09 -1.88
N ASN A 414 4.72 33.25 -2.08
CA ASN A 414 3.26 33.32 -2.04
C ASN A 414 2.70 32.66 -3.30
N ASP A 415 3.29 32.96 -4.48
CA ASP A 415 2.90 32.41 -5.78
C ASP A 415 3.04 30.87 -5.83
N ALA A 416 4.20 30.34 -5.39
CA ALA A 416 4.46 28.90 -5.36
C ALA A 416 3.53 28.20 -4.36
N HIS A 417 3.12 28.92 -3.30
CA HIS A 417 2.22 28.42 -2.27
C HIS A 417 0.83 28.15 -2.85
N GLN A 418 0.43 28.96 -3.87
CA GLN A 418 -0.85 28.77 -4.54
C GLN A 418 -0.82 27.47 -5.37
N VAL A 419 0.33 27.18 -6.01
CA VAL A 419 0.56 26.00 -6.83
C VAL A 419 0.65 24.72 -5.96
N THR A 420 1.45 24.77 -4.88
CA THR A 420 1.66 23.65 -3.97
C THR A 420 0.40 23.33 -3.18
N LEU A 421 -0.43 24.35 -2.84
CA LEU A 421 -1.69 24.14 -2.12
C LEU A 421 -2.72 23.37 -2.96
N CYS A 422 -2.81 23.64 -4.27
CA CYS A 422 -3.76 22.91 -5.09
C CYS A 422 -3.23 21.55 -5.57
N LEU A 423 -1.91 21.32 -5.43
CA LEU A 423 -1.26 20.02 -5.72
C LEU A 423 -1.49 19.09 -4.52
N LEU A 424 -1.46 19.66 -3.30
CA LEU A 424 -1.71 18.96 -2.03
C LEU A 424 -3.18 18.57 -1.91
N SER A 425 -4.06 19.28 -2.63
CA SER A 425 -5.52 19.04 -2.67
C SER A 425 -5.87 17.86 -3.55
N THR A 426 -4.94 17.42 -4.43
CA THR A 426 -5.11 16.29 -5.35
C THR A 426 -5.15 14.96 -4.56
N ASN A 427 -4.94 15.01 -3.23
CA ASN A 427 -5.01 13.82 -2.39
C ASN A 427 -6.44 13.23 -2.44
N CYS A 428 -7.46 14.10 -2.64
CA CYS A 428 -8.90 13.86 -2.82
C CYS A 428 -9.17 12.74 -3.77
N VAL A 429 -8.48 12.80 -4.91
CA VAL A 429 -8.59 11.89 -6.04
C VAL A 429 -7.58 10.73 -5.95
N LEU A 430 -6.35 11.00 -5.47
CA LEU A 430 -5.30 9.99 -5.45
C LEU A 430 -5.45 8.93 -4.37
N ASN A 431 -5.84 9.31 -3.13
CA ASN A 431 -5.99 8.32 -2.06
CA ASN A 431 -6.01 8.32 -2.07
C ASN A 431 -7.11 7.28 -2.39
N PRO A 432 -8.31 7.66 -2.95
CA PRO A 432 -9.28 6.61 -3.32
C PRO A 432 -8.73 5.69 -4.41
N VAL A 433 -7.94 6.26 -5.37
CA VAL A 433 -7.28 5.48 -6.44
C VAL A 433 -6.34 4.43 -5.80
N ILE A 434 -5.55 4.85 -4.79
CA ILE A 434 -4.67 3.96 -4.03
C ILE A 434 -5.52 2.86 -3.34
N TYR A 435 -6.64 3.25 -2.67
CA TYR A 435 -7.57 2.33 -2.00
C TYR A 435 -8.13 1.31 -2.99
N CYS A 436 -8.37 1.73 -4.26
CA CYS A 436 -8.91 0.88 -5.35
C CYS A 436 -7.89 -0.21 -5.71
N PHE A 437 -6.65 0.20 -6.06
CA PHE A 437 -5.51 -0.66 -6.40
C PHE A 437 -5.18 -1.59 -5.21
N LEU A 438 -5.34 -1.09 -3.98
CA LEU A 438 -5.13 -1.85 -2.75
C LEU A 438 -6.19 -2.95 -2.59
N THR A 439 -7.46 -2.63 -2.90
CA THR A 439 -8.58 -3.58 -2.84
C THR A 439 -8.37 -4.62 -3.93
N LYS A 440 -8.24 -4.17 -5.17
CA LYS A 440 -8.02 -4.96 -6.38
C LYS A 440 -6.82 -5.94 -6.31
N LYS A 441 -5.69 -5.55 -5.68
CA LYS A 441 -4.48 -6.38 -5.68
C LYS A 441 -3.92 -6.83 -4.31
N PHE A 442 -4.46 -6.32 -3.19
CA PHE A 442 -3.98 -6.71 -1.85
C PHE A 442 -5.14 -7.22 -0.99
N ARG A 443 -6.21 -7.64 -1.70
CA ARG A 443 -7.48 -8.17 -1.21
C ARG A 443 -7.31 -9.23 -0.13
N LYS A 444 -6.63 -10.35 -0.44
CA LYS A 444 -6.41 -11.46 0.49
C LYS A 444 -5.74 -11.01 1.80
N HIS A 445 -4.62 -10.28 1.67
CA HIS A 445 -3.87 -9.78 2.80
C HIS A 445 -4.69 -8.83 3.69
N LEU A 446 -5.39 -7.88 3.07
CA LEU A 446 -6.21 -6.89 3.77
C LEU A 446 -7.40 -7.48 4.54
N THR A 447 -8.19 -8.37 3.88
CA THR A 447 -9.37 -9.06 4.45
C THR A 447 -8.98 -9.85 5.69
N GLU A 448 -7.80 -10.52 5.65
CA GLU A 448 -7.24 -11.29 6.76
C GLU A 448 -6.92 -10.36 7.95
N LYS A 449 -6.19 -9.25 7.66
CA LYS A 449 -5.77 -8.23 8.61
C LYS A 449 -6.97 -7.62 9.37
N PHE A 450 -8.04 -7.20 8.63
CA PHE A 450 -9.26 -6.61 9.20
C PHE A 450 -9.98 -7.51 10.20
N TYR A 451 -10.20 -8.77 9.83
CA TYR A 451 -10.96 -9.70 10.66
C TYR A 451 -10.13 -10.28 11.82
N SER A 452 -8.82 -10.04 11.84
CA SER A 452 -7.94 -10.45 12.94
C SER A 452 -8.06 -9.46 14.12
N MET A 453 -8.08 -8.12 13.82
CA MET A 453 -8.18 -7.07 14.84
C MET A 453 -9.53 -7.08 15.57
N ARG A 454 -10.63 -7.23 14.80
CA ARG A 454 -12.00 -7.24 15.31
C ARG A 454 -12.34 -8.52 16.10
N SER A 455 -11.55 -9.60 15.91
CA SER A 455 -11.71 -10.90 16.57
C SER A 455 -11.65 -10.86 18.12
N SER A 456 -11.11 -9.75 18.70
CA SER A 456 -11.02 -9.56 20.15
C SER A 456 -11.68 -8.24 20.59
N ARG A 457 -11.27 -7.10 19.97
CA ARG A 457 -11.79 -5.78 20.28
C ARG A 457 -12.09 -5.01 19.00
CAK 9ER B . -4.12 26.47 9.87
CAJ 9ER B . -2.95 26.66 8.88
CAL 9ER B . -2.97 27.93 8.02
CAH 9ER B . -2.45 25.49 8.29
CAI 9ER B . -1.21 25.14 8.80
CAD 9ER B . -0.50 24.02 8.39
CAB 9ER B . 0.77 23.84 8.98
CAA 9ER B . 0.66 23.35 10.42
CAC 9ER B . 1.77 23.04 8.16
CAE 9ER B . -1.07 23.21 7.40
CAF 9ER B . -2.34 23.51 6.83
CBE 9ER B . -2.90 22.66 5.85
CBF 9ER B . -2.10 22.58 4.55
CBG 9ER B . -3.17 21.27 6.40
CAG 9ER B . -3.06 24.64 7.30
CAM 9ER B . -4.24 24.99 6.75
NAQ 9ER B . -4.27 25.75 5.64
CAN 9ER B . -5.44 24.67 7.25
SAO 9ER B . -6.57 25.37 6.25
CAP 9ER B . -5.49 26.04 5.22
NAR 9ER B . -5.75 26.83 4.16
CAS 9ER B . -4.60 27.41 3.40
CAT 9ER B . -4.29 28.82 3.94
NAU 9ER B . -2.97 29.31 3.55
CAV 9ER B . -2.35 29.87 4.77
CAW 9ER B . -3.11 30.38 2.55
CAX 9ER B . -7.14 27.25 3.77
CAY 9ER B . -7.40 26.94 2.44
CBD 9ER B . -7.74 25.63 2.09
CBC 9ER B . -7.91 25.29 0.74
CBB 9ER B . -7.74 26.25 -0.26
NBA 9ER B . -7.41 27.56 0.10
CAZ 9ER B . -7.25 27.92 1.45
N1 FMN C . 1.80 -43.74 -9.02
C2 FMN C . 0.65 -43.03 -8.65
O2 FMN C . 0.31 -42.02 -9.29
N3 FMN C . -0.13 -43.45 -7.57
C4 FMN C . 0.24 -44.61 -6.84
O4 FMN C . -0.46 -44.96 -5.88
C4A FMN C . 1.41 -45.30 -7.19
N5 FMN C . 1.78 -46.40 -6.51
C5A FMN C . 2.73 -47.22 -6.99
C6 FMN C . 2.92 -48.47 -6.39
C7 FMN C . 3.89 -49.35 -6.88
C7M FMN C . 4.03 -50.58 -6.23
C8 FMN C . 4.68 -48.97 -7.98
C8M FMN C . 5.67 -49.79 -8.52
C9 FMN C . 4.48 -47.72 -8.57
C9A FMN C . 3.52 -46.81 -8.08
N10 FMN C . 3.30 -45.60 -8.66
C10 FMN C . 2.21 -44.87 -8.27
C1' FMN C . 4.05 -45.17 -9.89
C2' FMN C . 5.34 -44.37 -9.64
O2' FMN C . 4.99 -43.13 -9.02
C3' FMN C . 6.04 -44.19 -11.01
O3' FMN C . 6.87 -45.33 -11.27
C4' FMN C . 6.82 -42.86 -11.17
O4' FMN C . 6.58 -42.33 -12.47
C5' FMN C . 8.33 -43.06 -10.98
O5' FMN C . 8.87 -41.99 -10.18
P FMN C . 10.34 -42.10 -9.53
O1P FMN C . 10.37 -42.78 -8.21
O2P FMN C . 11.27 -42.76 -10.62
O3P FMN C . 10.89 -40.62 -9.44
#